data_5F03
#
_entry.id   5F03
#
_cell.length_a   78.340
_cell.length_b   78.340
_cell.length_c   165.950
_cell.angle_alpha   90.00
_cell.angle_beta   90.00
_cell.angle_gamma   120.00
#
_symmetry.space_group_name_H-M   'P 31 2 1'
#
loop_
_entity.id
_entity.type
_entity.pdbx_description
1 polymer 'Tryptase beta-2'
2 non-polymer (5~{S})-5-[[3-(aminomethyl)phenoxy]methyl]-3-[3-[2-(2-chloranylpyridin-3-yl)ethynyl]phenyl]-1,3-oxazolidin-2-one
3 water water
#
_entity_poly.entity_id   1
_entity_poly.type   'polypeptide(L)'
_entity_poly.pdbx_seq_one_letter_code
;IVGGQEAPRSKWPWQVSLRVHGPYWMHFCGGSLIHPQWVLTAAHCVGPDVKDLAALRVQLREQHLYYQDQLLPVSRIIVH
PQFYTAQIGADIALLELEEPVKVSSHVHTVTLPPASETFPPGMPCWVTGWGDVDNDERLPPPFPLKQVKVPIMENHICDA
KYHLGAYTGDDVRIVRDDMLCAGNTRRDSCQGDSGGPLVCKVNGTWLQAGVVSWGEGCAQPNRPGIYTRVTYYLDWIHHY
VPKKP
;
_entity_poly.pdbx_strand_id   A,B
#
loop_
_chem_comp.id
_chem_comp.type
_chem_comp.name
_chem_comp.formula
5TA non-polymer (5~{S})-5-[[3-(aminomethyl)phenoxy]methyl]-3-[3-[2-(2-chloranylpyridin-3-yl)ethynyl]phenyl]-1,3-oxazolidin-2-one 'C24 H20 Cl N3 O3'
#
# COMPACT_ATOMS: atom_id res chain seq x y z
N ILE A 1 7.46 -8.74 9.92
CA ILE A 1 7.37 -10.06 10.63
C ILE A 1 7.52 -11.23 9.64
N VAL A 2 8.47 -12.11 9.90
CA VAL A 2 8.73 -13.30 9.07
C VAL A 2 8.10 -14.52 9.72
N GLY A 3 7.22 -15.22 9.01
CA GLY A 3 6.48 -16.32 9.62
C GLY A 3 5.26 -15.82 10.34
N GLY A 4 4.66 -16.64 11.17
CA GLY A 4 3.45 -16.15 11.87
C GLY A 4 2.28 -15.72 10.97
N GLN A 5 1.46 -14.79 11.45
CA GLN A 5 0.13 -14.60 10.85
C GLN A 5 -0.40 -13.22 11.19
N GLU A 6 -1.53 -12.83 10.58
N GLU A 6 -1.54 -12.85 10.61
CA GLU A 6 -2.24 -11.61 10.98
CA GLU A 6 -2.22 -11.61 10.97
C GLU A 6 -2.65 -11.75 12.45
C GLU A 6 -2.74 -11.71 12.41
N ALA A 7 -2.49 -10.67 13.21
CA ALA A 7 -2.93 -10.64 14.61
C ALA A 7 -4.44 -10.48 14.69
N PRO A 8 -5.10 -11.23 15.62
CA PRO A 8 -6.50 -10.96 15.87
C PRO A 8 -6.69 -9.54 16.39
N ARG A 9 -7.83 -8.92 16.10
CA ARG A 9 -8.08 -7.52 16.50
C ARG A 9 -7.96 -7.25 17.97
N SER A 10 -8.22 -8.25 18.82
CA SER A 10 -8.16 -8.03 20.27
C SER A 10 -6.74 -8.08 20.86
N LYS A 11 -5.75 -8.48 20.04
CA LYS A 11 -4.41 -8.67 20.57
C LYS A 11 -3.49 -7.49 20.35
N TRP A 12 -2.52 -7.33 21.26
CA TRP A 12 -1.46 -6.33 21.17
C TRP A 12 -2.01 -4.91 21.14
N PRO A 13 -2.84 -4.55 22.15
CA PRO A 13 -3.45 -3.23 22.21
C PRO A 13 -2.45 -2.09 22.43
N TRP A 14 -1.20 -2.43 22.78
CA TRP A 14 -0.13 -1.44 22.95
C TRP A 14 0.68 -1.14 21.67
N GLN A 15 0.45 -1.87 20.59
CA GLN A 15 1.34 -1.74 19.41
C GLN A 15 1.06 -0.37 18.79
N VAL A 16 2.11 0.37 18.47
CA VAL A 16 1.96 1.62 17.71
C VAL A 16 2.82 1.59 16.44
N SER A 17 2.47 2.44 15.47
CA SER A 17 3.22 2.66 14.25
C SER A 17 3.78 4.08 14.24
N LEU A 18 5.08 4.21 13.94
CA LEU A 18 5.74 5.51 13.79
C LEU A 18 5.74 5.89 12.33
N ARG A 19 5.38 7.15 12.05
CA ARG A 19 5.14 7.64 10.69
C ARG A 19 6.08 8.81 10.39
N VAL A 20 6.66 8.82 9.18
CA VAL A 20 7.46 9.95 8.73
C VAL A 20 6.72 10.71 7.62
N HIS A 21 6.79 12.05 7.65
CA HIS A 21 6.08 12.88 6.67
C HIS A 21 6.69 12.72 5.28
N GLY A 22 5.86 12.64 4.25
CA GLY A 22 6.33 12.57 2.87
C GLY A 22 5.12 12.68 2.00
N PRO A 23 5.11 12.01 0.82
CA PRO A 23 3.90 12.02 -0.01
C PRO A 23 2.70 11.53 0.79
N TYR A 24 2.99 10.68 1.78
CA TYR A 24 2.00 10.24 2.75
C TYR A 24 2.75 9.90 4.04
N TRP A 25 2.01 9.76 5.13
CA TRP A 25 2.63 9.52 6.42
C TRP A 25 2.97 8.03 6.52
N MET A 26 4.20 7.70 6.15
CA MET A 26 4.62 6.33 5.91
C MET A 26 5.15 5.65 7.15
N HIS A 27 4.77 4.40 7.35
CA HIS A 27 5.29 3.58 8.44
C HIS A 27 6.78 3.32 8.28
N PHE A 28 7.57 3.54 9.34
CA PHE A 28 8.99 3.17 9.27
C PHE A 28 9.49 2.41 10.51
N CYS A 29 8.78 2.44 11.64
CA CYS A 29 9.16 1.67 12.81
C CYS A 29 7.94 1.34 13.70
N GLY A 30 8.11 0.37 14.60
CA GLY A 30 7.07 0.11 15.61
C GLY A 30 7.39 0.88 16.89
N GLY A 31 6.49 0.73 17.86
CA GLY A 31 6.67 1.22 19.22
C GLY A 31 5.65 0.55 20.10
N SER A 32 5.66 0.86 21.39
CA SER A 32 4.64 0.35 22.28
C SER A 32 4.19 1.44 23.23
N LEU A 33 2.90 1.43 23.54
CA LEU A 33 2.35 2.37 24.52
C LEU A 33 2.66 1.89 25.94
N ILE A 34 3.47 2.63 26.69
CA ILE A 34 3.81 2.18 28.05
C ILE A 34 3.15 3.03 29.13
N HIS A 35 2.59 4.16 28.72
CA HIS A 35 1.89 5.13 29.60
C HIS A 35 0.92 5.86 28.66
N PRO A 36 -0.24 6.33 29.15
CA PRO A 36 -1.13 7.07 28.23
C PRO A 36 -0.48 8.20 27.44
N GLN A 37 0.65 8.73 27.91
CA GLN A 37 1.34 9.79 27.20
C GLN A 37 2.72 9.39 26.64
N TRP A 38 3.09 8.11 26.76
CA TRP A 38 4.44 7.70 26.37
C TRP A 38 4.50 6.45 25.55
N VAL A 39 5.36 6.51 24.54
CA VAL A 39 5.64 5.42 23.63
C VAL A 39 7.09 5.00 23.79
N LEU A 40 7.31 3.70 23.98
CA LEU A 40 8.66 3.12 23.97
C LEU A 40 9.01 2.65 22.54
N THR A 41 10.23 2.94 22.07
CA THR A 41 10.67 2.55 20.74
C THR A 41 12.19 2.29 20.73
N ALA A 42 12.79 2.13 19.55
CA ALA A 42 14.25 1.94 19.42
C ALA A 42 14.85 3.30 19.10
N ALA A 43 15.96 3.62 19.77
CA ALA A 43 16.76 4.81 19.47
C ALA A 43 17.12 4.91 17.99
N HIS A 44 17.43 3.77 17.34
CA HIS A 44 17.88 3.89 15.94
C HIS A 44 16.75 4.33 14.99
N CYS A 45 15.50 4.21 15.45
CA CYS A 45 14.36 4.70 14.68
C CYS A 45 14.33 6.23 14.59
N VAL A 46 14.93 6.87 15.59
CA VAL A 46 14.83 8.35 15.74
C VAL A 46 16.17 9.08 15.97
N GLY A 47 17.26 8.32 15.99
CA GLY A 47 18.59 8.84 16.26
C GLY A 47 19.68 8.04 15.55
N PRO A 48 20.96 8.34 15.83
CA PRO A 48 21.40 9.30 16.86
C PRO A 48 21.24 10.77 16.49
N ASP A 49 21.06 11.09 15.21
CA ASP A 49 20.89 12.49 14.83
C ASP A 49 19.52 13.03 15.26
N VAL A 50 19.48 14.29 15.66
CA VAL A 50 18.25 14.95 16.09
C VAL A 50 17.47 15.33 14.83
N LYS A 51 16.26 14.85 14.70
CA LYS A 51 15.39 15.28 13.62
C LYS A 51 14.24 16.15 14.11
N ASP A 52 13.54 16.76 13.16
CA ASP A 52 12.43 17.65 13.42
C ASP A 52 11.24 16.84 13.92
N LEU A 53 10.74 17.22 15.09
CA LEU A 53 9.54 16.58 15.67
C LEU A 53 8.31 16.70 14.77
N ALA A 54 8.21 17.80 14.05
CA ALA A 54 7.09 18.04 13.14
C ALA A 54 6.94 16.95 12.07
N ALA A 55 8.04 16.25 11.76
CA ALA A 55 8.05 15.27 10.71
C ALA A 55 7.71 13.85 11.21
N LEU A 56 7.32 13.74 12.49
CA LEU A 56 7.02 12.47 13.10
C LEU A 56 5.58 12.44 13.61
N ARG A 57 4.84 11.37 13.34
CA ARG A 57 3.56 11.11 14.03
C ARG A 57 3.52 9.71 14.57
N VAL A 58 2.67 9.48 15.58
CA VAL A 58 2.43 8.16 16.16
C VAL A 58 0.99 7.75 15.81
N GLN A 59 0.83 6.49 15.40
CA GLN A 59 -0.46 5.88 15.16
C GLN A 59 -0.65 4.75 16.17
N LEU A 60 -1.73 4.79 16.93
CA LEU A 60 -2.05 3.77 17.93
C LEU A 60 -2.61 2.52 17.24
N ARG A 61 -2.87 1.46 18.01
CA ARG A 61 -3.28 0.15 17.44
C ARG A 61 -4.35 0.36 16.37
N GLU A 62 -4.05 -0.13 15.17
CA GLU A 62 -5.01 -0.28 14.10
C GLU A 62 -4.76 -1.64 13.48
N GLN A 63 -5.78 -2.21 12.85
CA GLN A 63 -5.64 -3.54 12.25
C GLN A 63 -4.92 -3.47 10.91
N HIS A 64 -5.20 -2.43 10.13
CA HIS A 64 -4.48 -2.17 8.86
C HIS A 64 -3.87 -0.78 8.79
N LEU A 65 -2.58 -0.70 8.44
CA LEU A 65 -1.95 0.59 8.23
C LEU A 65 -2.70 1.41 7.20
N TYR A 66 -2.83 2.71 7.47
CA TYR A 66 -3.30 3.73 6.54
C TYR A 66 -4.80 3.89 6.36
N TYR A 67 -5.57 2.82 6.58
N TYR A 67 -5.57 2.85 6.67
CA TYR A 67 -6.99 2.89 6.27
CA TYR A 67 -6.99 2.80 6.28
C TYR A 67 -7.69 3.94 7.12
C TYR A 67 -7.99 3.54 7.18
N GLN A 68 -7.63 3.78 8.43
CA GLN A 68 -8.37 4.76 9.25
C GLN A 68 -7.43 5.36 10.28
N ASP A 69 -6.39 6.02 9.77
CA ASP A 69 -5.37 6.63 10.62
C ASP A 69 -5.92 7.77 11.46
N GLN A 70 -5.43 7.88 12.69
CA GLN A 70 -5.66 9.05 13.52
C GLN A 70 -4.29 9.40 14.08
N LEU A 71 -3.55 10.24 13.37
CA LEU A 71 -2.11 10.41 13.68
C LEU A 71 -1.90 11.41 14.80
N LEU A 72 -0.99 11.09 15.71
CA LEU A 72 -0.73 11.90 16.92
C LEU A 72 0.65 12.52 16.88
N PRO A 73 0.73 13.85 17.12
CA PRO A 73 2.00 14.53 17.20
C PRO A 73 2.69 14.29 18.55
N VAL A 74 3.99 14.54 18.56
CA VAL A 74 4.90 14.19 19.63
C VAL A 74 5.49 15.50 20.18
N SER A 75 5.50 15.67 21.49
CA SER A 75 6.12 16.86 22.12
C SER A 75 7.62 16.72 22.39
N ARG A 76 8.09 15.50 22.67
CA ARG A 76 9.49 15.27 23.03
C ARG A 76 9.95 13.93 22.51
N ILE A 77 11.21 13.87 22.09
CA ILE A 77 11.85 12.58 21.76
C ILE A 77 13.03 12.48 22.71
N ILE A 78 13.03 11.46 23.57
CA ILE A 78 14.14 11.26 24.52
C ILE A 78 14.93 10.00 24.12
N VAL A 79 16.22 10.15 23.83
CA VAL A 79 16.97 9.00 23.27
C VAL A 79 18.02 8.66 24.32
N HIS A 80 18.21 7.38 24.60
CA HIS A 80 19.17 7.02 25.64
C HIS A 80 20.52 7.65 25.29
N PRO A 81 21.15 8.36 26.26
CA PRO A 81 22.37 9.08 25.92
C PRO A 81 23.56 8.17 25.58
N GLN A 82 23.49 6.87 25.90
CA GLN A 82 24.58 5.97 25.53
C GLN A 82 24.46 5.59 24.06
N PHE A 83 23.31 5.85 23.45
CA PHE A 83 23.10 5.39 22.08
C PHE A 83 23.85 6.13 20.97
N TYR A 84 24.54 5.35 20.15
CA TYR A 84 24.94 5.84 18.83
C TYR A 84 24.81 4.81 17.69
N THR A 85 24.97 3.52 17.97
CA THR A 85 24.61 2.49 16.97
C THR A 85 23.94 1.29 17.64
N ALA A 86 23.08 0.59 16.89
CA ALA A 86 22.35 -0.52 17.44
C ALA A 86 23.25 -1.68 17.86
N GLN A 87 24.32 -1.92 17.09
CA GLN A 87 25.27 -3.01 17.41
C GLN A 87 26.04 -2.80 18.69
N ILE A 88 26.25 -1.53 19.05
CA ILE A 88 26.87 -1.23 20.34
C ILE A 88 25.88 -1.42 21.50
N GLY A 89 24.63 -0.99 21.31
CA GLY A 89 23.62 -1.13 22.38
C GLY A 89 23.00 0.19 22.80
N ALA A 90 22.23 0.17 23.90
CA ALA A 90 21.38 1.29 24.34
C ALA A 90 20.37 1.73 23.27
N ASP A 91 19.88 0.74 22.52
CA ASP A 91 18.97 1.01 21.41
C ASP A 91 17.53 1.12 21.92
N ILE A 92 17.24 2.27 22.50
CA ILE A 92 16.01 2.54 23.23
C ILE A 92 15.73 4.04 23.32
N ALA A 93 14.46 4.38 23.12
CA ALA A 93 14.03 5.78 23.11
C ALA A 93 12.59 5.90 23.61
N LEU A 94 12.22 7.10 24.04
CA LEU A 94 10.87 7.40 24.49
C LEU A 94 10.34 8.55 23.70
N LEU A 95 9.07 8.45 23.32
CA LEU A 95 8.35 9.55 22.69
C LEU A 95 7.24 10.02 23.61
N GLU A 96 7.22 11.30 23.94
CA GLU A 96 6.11 11.85 24.71
C GLU A 96 5.10 12.43 23.74
N LEU A 97 3.86 11.99 23.85
CA LEU A 97 2.77 12.53 23.03
C LEU A 97 2.37 13.89 23.54
N GLU A 98 1.81 14.75 22.67
CA GLU A 98 1.34 16.06 23.10
C GLU A 98 0.12 16.01 24.05
N GLU A 99 -0.69 14.95 23.93
CA GLU A 99 -1.79 14.69 24.83
C GLU A 99 -1.71 13.24 25.34
N PRO A 100 -2.22 12.98 26.55
CA PRO A 100 -2.37 11.58 26.94
C PRO A 100 -3.54 10.97 26.20
N VAL A 101 -3.43 9.71 25.80
CA VAL A 101 -4.52 9.08 25.08
C VAL A 101 -5.53 8.48 26.08
N LYS A 102 -6.74 8.17 25.59
CA LYS A 102 -7.70 7.43 26.39
C LYS A 102 -7.44 5.93 26.17
N VAL A 103 -7.56 5.13 27.22
CA VAL A 103 -7.33 3.69 27.09
C VAL A 103 -8.61 2.86 27.18
N SER A 104 -8.56 1.68 26.59
CA SER A 104 -9.69 0.78 26.59
C SER A 104 -9.14 -0.62 26.35
N SER A 105 -10.03 -1.59 26.17
CA SER A 105 -9.60 -2.96 25.86
C SER A 105 -8.89 -3.05 24.49
N HIS A 106 -9.22 -2.12 23.59
CA HIS A 106 -8.67 -2.04 22.23
C HIS A 106 -7.32 -1.32 22.13
N VAL A 107 -7.08 -0.35 23.01
CA VAL A 107 -5.84 0.44 23.02
C VAL A 107 -5.48 0.66 24.46
N HIS A 108 -4.36 0.08 24.91
CA HIS A 108 -3.92 0.30 26.28
C HIS A 108 -2.45 -0.03 26.43
N THR A 109 -1.90 0.18 27.63
CA THR A 109 -0.46 0.09 27.81
C THR A 109 0.01 -1.34 27.99
N VAL A 110 1.29 -1.57 27.74
CA VAL A 110 1.90 -2.85 28.08
C VAL A 110 2.62 -2.72 29.43
N THR A 111 2.71 -3.82 30.19
CA THR A 111 3.38 -3.83 31.47
C THR A 111 4.88 -4.09 31.26
N LEU A 112 5.71 -3.30 31.95
CA LEU A 112 7.14 -3.46 31.88
C LEU A 112 7.55 -4.50 32.93
N PRO A 113 8.61 -5.27 32.64
CA PRO A 113 9.01 -6.35 33.54
C PRO A 113 9.67 -5.82 34.84
N PRO A 114 9.65 -6.62 35.93
CA PRO A 114 10.43 -6.28 37.11
C PRO A 114 11.90 -6.40 36.78
N ALA A 115 12.74 -5.66 37.51
CA ALA A 115 14.16 -5.65 37.22
C ALA A 115 14.77 -7.05 37.17
N SER A 116 14.19 -7.98 37.92
CA SER A 116 14.74 -9.32 38.11
C SER A 116 14.44 -10.38 37.04
N GLU A 117 13.45 -10.14 36.16
N GLU A 117 13.50 -10.08 36.14
CA GLU A 117 13.01 -11.19 35.23
CA GLU A 117 13.06 -11.05 35.13
C GLU A 117 14.00 -11.40 34.04
C GLU A 117 14.15 -11.37 34.10
N THR A 118 14.39 -12.65 33.84
CA THR A 118 15.45 -13.00 32.87
C THR A 118 14.98 -13.47 31.49
N PHE A 119 13.73 -13.91 31.41
CA PHE A 119 13.18 -14.39 30.14
C PHE A 119 14.04 -15.51 29.55
N PRO A 120 13.93 -16.71 30.13
CA PRO A 120 14.78 -17.84 29.74
C PRO A 120 14.25 -18.57 28.51
N PRO A 121 15.12 -19.35 27.84
CA PRO A 121 14.65 -20.17 26.74
C PRO A 121 13.41 -20.96 27.13
N GLY A 122 12.46 -21.06 26.22
CA GLY A 122 11.28 -21.85 26.42
C GLY A 122 10.10 -21.01 26.85
N MET A 123 10.36 -19.76 27.24
CA MET A 123 9.26 -18.88 27.58
C MET A 123 8.45 -18.53 26.31
N PRO A 124 7.10 -18.58 26.40
CA PRO A 124 6.24 -18.12 25.30
C PRO A 124 6.32 -16.61 25.05
N CYS A 125 6.91 -16.22 23.93
CA CYS A 125 7.11 -14.82 23.59
C CYS A 125 6.73 -14.57 22.14
N TRP A 126 6.19 -13.37 21.90
CA TRP A 126 5.69 -12.94 20.60
C TRP A 126 6.27 -11.59 20.24
N VAL A 127 6.59 -11.40 18.96
CA VAL A 127 7.00 -10.12 18.45
C VAL A 127 5.97 -9.74 17.37
N THR A 128 5.63 -8.46 17.30
CA THR A 128 4.56 -8.00 16.44
C THR A 128 4.99 -6.76 15.65
N GLY A 129 4.41 -6.55 14.47
CA GLY A 129 4.70 -5.37 13.68
C GLY A 129 4.18 -5.40 12.26
N TRP A 130 4.42 -4.30 11.54
CA TRP A 130 4.01 -4.16 10.14
C TRP A 130 5.26 -4.14 9.24
N GLY A 131 6.37 -4.69 9.74
CA GLY A 131 7.62 -4.77 8.97
C GLY A 131 7.67 -5.86 7.90
N ASP A 132 8.81 -5.93 7.23
CA ASP A 132 9.03 -6.85 6.13
C ASP A 132 8.68 -8.28 6.49
N VAL A 133 8.12 -8.98 5.51
CA VAL A 133 7.68 -10.36 5.68
C VAL A 133 8.76 -11.35 5.26
N ASP A 134 9.85 -10.80 4.69
CA ASP A 134 11.07 -11.54 4.39
C ASP A 134 12.09 -10.49 4.01
N ASN A 135 13.36 -10.89 3.88
CA ASN A 135 14.42 -9.97 3.46
C ASN A 135 14.00 -9.24 2.20
N ASP A 136 14.12 -7.91 2.21
N ASP A 136 14.02 -7.91 2.27
CA ASP A 136 13.76 -7.07 1.07
CA ASP A 136 13.73 -7.04 1.12
C ASP A 136 12.41 -7.48 0.48
C ASP A 136 12.30 -7.14 0.58
N GLU A 137 11.44 -7.73 1.35
N GLU A 137 11.44 -7.89 1.29
CA GLU A 137 10.08 -8.02 0.92
CA GLU A 137 10.04 -8.06 0.88
C GLU A 137 9.13 -7.32 1.89
C GLU A 137 9.13 -7.33 1.86
N ARG A 138 8.56 -6.20 1.43
CA ARG A 138 7.70 -5.41 2.29
C ARG A 138 6.38 -6.14 2.57
N LEU A 139 5.72 -5.77 3.66
CA LEU A 139 4.37 -6.26 3.95
C LEU A 139 3.46 -5.72 2.84
N PRO A 140 2.79 -6.63 2.13
CA PRO A 140 1.86 -6.20 1.08
C PRO A 140 0.60 -5.48 1.61
N PRO A 141 -0.05 -4.65 0.76
CA PRO A 141 -1.37 -4.14 1.13
C PRO A 141 -2.28 -5.36 1.35
N PRO A 142 -3.30 -5.24 2.23
CA PRO A 142 -3.70 -4.07 3.02
C PRO A 142 -2.97 -3.84 4.35
N PHE A 143 -1.73 -4.31 4.47
CA PHE A 143 -0.88 -4.02 5.64
C PHE A 143 -1.46 -4.45 7.03
N PRO A 144 -1.80 -5.73 7.16
CA PRO A 144 -2.29 -6.17 8.45
C PRO A 144 -1.17 -6.20 9.48
N LEU A 145 -1.50 -5.90 10.72
CA LEU A 145 -0.55 -6.14 11.80
C LEU A 145 -0.26 -7.66 11.89
N LYS A 146 1.03 -8.01 11.93
CA LYS A 146 1.42 -9.42 12.03
C LYS A 146 2.01 -9.73 13.41
N GLN A 147 1.98 -11.03 13.74
CA GLN A 147 2.52 -11.54 14.99
C GLN A 147 3.27 -12.82 14.71
N VAL A 148 4.29 -13.13 15.49
CA VAL A 148 4.90 -14.47 15.39
C VAL A 148 5.47 -14.87 16.77
N LYS A 149 5.30 -16.13 17.14
CA LYS A 149 5.86 -16.62 18.38
C LYS A 149 7.35 -16.93 18.14
N VAL A 150 8.23 -16.40 18.98
CA VAL A 150 9.67 -16.61 18.74
C VAL A 150 10.31 -17.28 19.94
N PRO A 151 11.22 -18.23 19.66
CA PRO A 151 11.95 -18.88 20.75
C PRO A 151 13.12 -18.01 21.23
N ILE A 152 13.19 -17.77 22.53
CA ILE A 152 14.33 -17.11 23.17
C ILE A 152 15.55 -18.00 23.08
N MET A 153 16.72 -17.42 22.82
CA MET A 153 17.99 -18.14 22.87
C MET A 153 18.85 -17.43 23.91
N GLU A 154 19.44 -18.18 24.85
N GLU A 154 19.45 -18.19 24.83
CA GLU A 154 20.29 -17.60 25.90
CA GLU A 154 20.36 -17.64 25.84
C GLU A 154 21.39 -16.76 25.23
C GLU A 154 21.38 -16.73 25.19
N ASN A 155 21.74 -15.64 25.87
CA ASN A 155 22.69 -14.67 25.32
C ASN A 155 23.98 -15.32 24.87
N HIS A 156 24.56 -16.20 25.71
CA HIS A 156 25.87 -16.77 25.40
C HIS A 156 25.81 -17.65 24.15
N ILE A 157 24.70 -18.37 23.98
CA ILE A 157 24.48 -19.25 22.83
C ILE A 157 24.25 -18.40 21.57
N CYS A 158 23.46 -17.35 21.71
CA CYS A 158 23.29 -16.35 20.65
C CYS A 158 24.61 -15.72 20.22
N ASP A 159 25.43 -15.36 21.22
CA ASP A 159 26.72 -14.74 20.92
C ASP A 159 27.61 -15.71 20.14
N ALA A 160 27.65 -16.96 20.59
CA ALA A 160 28.41 -18.01 19.89
C ALA A 160 27.94 -18.13 18.42
N LYS A 161 26.62 -18.22 18.22
N LYS A 161 26.64 -18.20 18.21
CA LYS A 161 26.02 -18.24 16.88
CA LYS A 161 26.08 -18.28 16.86
C LYS A 161 26.54 -17.12 15.99
C LYS A 161 26.41 -17.10 15.95
N TYR A 162 26.54 -15.90 16.53
CA TYR A 162 26.97 -14.72 15.79
C TYR A 162 28.45 -14.75 15.39
N HIS A 163 29.22 -15.57 16.08
CA HIS A 163 30.62 -15.77 15.75
C HIS A 163 30.85 -16.83 14.67
N LEU A 164 29.86 -17.70 14.44
CA LEU A 164 29.97 -18.72 13.43
C LEU A 164 29.91 -18.12 12.03
N GLY A 165 30.82 -18.54 11.16
CA GLY A 165 30.92 -17.93 9.83
C GLY A 165 31.44 -16.50 9.87
N ALA A 166 32.11 -16.12 10.96
CA ALA A 166 32.63 -14.76 11.09
C ALA A 166 34.08 -14.77 11.50
N TYR A 167 34.80 -13.69 11.17
CA TYR A 167 36.22 -13.57 11.52
C TYR A 167 36.43 -13.17 12.98
N THR A 168 35.41 -12.59 13.60
CA THR A 168 35.52 -12.00 14.93
C THR A 168 36.02 -13.02 15.97
N GLY A 169 36.99 -12.65 16.81
CA GLY A 169 37.50 -13.60 17.82
C GLY A 169 36.40 -13.95 18.81
N ASP A 170 36.39 -15.19 19.29
CA ASP A 170 35.34 -15.75 20.17
C ASP A 170 35.15 -14.95 21.48
N ASP A 171 36.22 -14.33 21.96
CA ASP A 171 36.20 -13.58 23.23
C ASP A 171 35.76 -12.13 23.07
N VAL A 172 35.51 -11.72 21.83
CA VAL A 172 34.95 -10.41 21.57
C VAL A 172 33.42 -10.56 21.54
N ARG A 173 32.74 -9.98 22.54
CA ARG A 173 31.32 -10.23 22.72
C ARG A 173 30.53 -9.40 21.74
N ILE A 174 29.75 -10.06 20.90
CA ILE A 174 28.89 -9.33 19.95
C ILE A 174 27.50 -9.09 20.53
N VAL A 175 26.92 -10.14 21.11
CA VAL A 175 25.60 -10.04 21.71
C VAL A 175 25.80 -9.69 23.17
N ARG A 176 25.49 -8.45 23.52
CA ARG A 176 25.89 -7.90 24.79
C ARG A 176 24.87 -8.16 25.89
N ASP A 177 25.25 -7.89 27.13
CA ASP A 177 24.41 -8.24 28.25
C ASP A 177 23.13 -7.41 28.30
N ASP A 178 23.17 -6.21 27.73
CA ASP A 178 21.95 -5.39 27.61
C ASP A 178 21.12 -5.73 26.39
N MET A 179 21.40 -6.88 25.78
CA MET A 179 20.60 -7.33 24.63
C MET A 179 19.98 -8.70 24.94
N LEU A 180 19.06 -9.12 24.07
CA LEU A 180 18.38 -10.40 24.21
C LEU A 180 18.15 -10.95 22.80
N CYS A 181 18.17 -12.28 22.65
CA CYS A 181 17.96 -12.89 21.33
C CYS A 181 16.71 -13.72 21.25
N ALA A 182 16.02 -13.64 20.10
CA ALA A 182 14.92 -14.55 19.85
C ALA A 182 14.74 -14.75 18.35
N GLY A 183 14.11 -15.87 17.99
CA GLY A 183 13.77 -16.18 16.59
C GLY A 183 14.66 -17.27 15.99
N ASN A 184 14.23 -17.75 14.82
CA ASN A 184 15.03 -18.73 14.10
C ASN A 184 14.89 -18.53 12.59
N THR A 185 15.16 -19.56 11.80
CA THR A 185 15.10 -19.45 10.34
C THR A 185 13.69 -19.45 9.75
N ARG A 186 12.69 -19.59 10.62
CA ARG A 186 11.29 -19.55 10.15
C ARG A 186 10.52 -18.40 10.78
N ARG A 187 11.03 -17.86 11.90
CA ARG A 187 10.28 -16.90 12.71
C ARG A 187 11.18 -15.78 13.21
N ASP A 188 10.84 -14.53 12.88
CA ASP A 188 11.71 -13.41 13.21
C ASP A 188 10.99 -12.09 12.99
N SER A 189 11.56 -11.02 13.52
CA SER A 189 11.19 -9.69 13.12
C SER A 189 12.12 -9.30 11.97
N CYS A 190 11.81 -8.17 11.36
CA CYS A 190 12.49 -7.75 10.17
C CYS A 190 12.42 -6.23 10.07
N GLN A 191 13.10 -5.68 9.06
CA GLN A 191 13.13 -4.25 8.88
C GLN A 191 11.71 -3.73 8.89
N GLY A 192 11.45 -2.66 9.63
CA GLY A 192 10.09 -2.11 9.70
C GLY A 192 9.40 -2.52 10.98
N ASP A 193 9.89 -3.59 11.61
CA ASP A 193 9.45 -4.01 12.95
C ASP A 193 10.24 -3.34 14.05
N SER A 194 11.40 -2.78 13.69
CA SER A 194 12.27 -2.10 14.65
C SER A 194 11.51 -1.17 15.53
N GLY A 195 11.89 -1.17 16.81
CA GLY A 195 11.24 -0.32 17.81
C GLY A 195 10.01 -0.92 18.45
N GLY A 196 9.45 -1.95 17.82
CA GLY A 196 8.30 -2.66 18.35
C GLY A 196 8.64 -3.63 19.46
N PRO A 197 7.59 -4.19 20.10
CA PRO A 197 7.75 -4.99 21.30
C PRO A 197 7.97 -6.48 21.09
N LEU A 198 8.80 -7.07 21.95
CA LEU A 198 8.79 -8.49 22.14
C LEU A 198 8.16 -8.66 23.51
N VAL A 199 7.06 -9.40 23.59
CA VAL A 199 6.31 -9.57 24.83
C VAL A 199 6.26 -11.06 25.22
N CYS A 200 6.37 -11.32 26.51
CA CYS A 200 6.36 -12.71 26.99
C CYS A 200 5.28 -12.78 28.05
N LYS A 201 4.52 -13.87 28.04
CA LYS A 201 3.47 -14.09 29.04
C LYS A 201 4.13 -14.68 30.29
N VAL A 202 4.00 -13.99 31.43
CA VAL A 202 4.64 -14.43 32.69
C VAL A 202 3.64 -14.39 33.84
N ASN A 203 3.28 -15.56 34.35
CA ASN A 203 2.21 -15.69 35.37
C ASN A 203 0.90 -15.02 34.95
N GLY A 204 0.55 -15.19 33.69
CA GLY A 204 -0.69 -14.67 33.15
C GLY A 204 -0.69 -13.23 32.68
N THR A 205 0.47 -12.57 32.72
CA THR A 205 0.57 -11.15 32.34
C THR A 205 1.60 -10.96 31.24
N TRP A 206 1.27 -10.13 30.27
CA TRP A 206 2.20 -9.84 29.17
C TRP A 206 3.20 -8.83 29.65
N LEU A 207 4.48 -9.16 29.54
CA LEU A 207 5.55 -8.23 29.91
C LEU A 207 6.40 -7.93 28.69
N GLN A 208 6.77 -6.68 28.49
CA GLN A 208 7.70 -6.36 27.39
C GLN A 208 9.15 -6.67 27.72
N ALA A 209 9.65 -7.79 27.17
CA ALA A 209 11.03 -8.23 27.40
C ALA A 209 12.03 -7.47 26.53
N GLY A 210 11.61 -7.09 25.32
CA GLY A 210 12.55 -6.58 24.34
C GLY A 210 11.99 -5.50 23.44
N VAL A 211 12.91 -4.76 22.84
CA VAL A 211 12.59 -3.81 21.77
C VAL A 211 13.31 -4.30 20.53
N VAL A 212 12.59 -4.47 19.41
CA VAL A 212 13.20 -4.89 18.17
C VAL A 212 14.34 -3.95 17.79
N SER A 213 15.56 -4.51 17.63
CA SER A 213 16.76 -3.69 17.47
C SER A 213 17.59 -3.97 16.19
N TRP A 214 18.18 -5.15 16.08
CA TRP A 214 19.00 -5.45 14.88
C TRP A 214 19.19 -6.95 14.67
N GLY A 215 19.97 -7.28 13.65
CA GLY A 215 20.40 -8.66 13.42
C GLY A 215 20.97 -8.70 12.02
N GLU A 216 21.55 -9.83 11.64
CA GLU A 216 22.00 -9.94 10.27
C GLU A 216 20.83 -10.44 9.45
N GLY A 217 20.17 -9.51 8.77
CA GLY A 217 19.02 -9.86 7.92
C GLY A 217 17.90 -10.42 8.79
N CYS A 218 17.04 -11.24 8.19
CA CYS A 218 15.87 -11.78 8.86
C CYS A 218 15.79 -13.28 8.64
N ALA A 219 15.62 -14.03 9.72
CA ALA A 219 15.48 -15.51 9.67
C ALA A 219 16.64 -16.24 8.97
N GLN A 220 17.86 -15.69 9.13
CA GLN A 220 19.06 -16.24 8.49
C GLN A 220 19.71 -17.24 9.45
N PRO A 221 20.32 -18.32 8.93
CA PRO A 221 20.99 -19.33 9.75
C PRO A 221 22.05 -18.70 10.65
N ASN A 222 22.08 -19.14 11.91
CA ASN A 222 23.02 -18.66 12.91
C ASN A 222 22.94 -17.17 13.22
N ARG A 223 21.81 -16.53 12.88
CA ARG A 223 21.66 -15.07 13.10
C ARG A 223 20.27 -14.72 13.67
N PRO A 224 20.00 -15.12 14.93
CA PRO A 224 18.74 -14.78 15.60
C PRO A 224 18.55 -13.28 15.67
N GLY A 225 17.30 -12.85 15.84
CA GLY A 225 16.99 -11.44 15.99
C GLY A 225 17.50 -10.93 17.34
N ILE A 226 17.94 -9.67 17.37
CA ILE A 226 18.50 -9.08 18.56
C ILE A 226 17.65 -7.90 19.03
N TYR A 227 17.34 -7.91 20.33
CA TYR A 227 16.40 -7.01 20.98
C TYR A 227 17.13 -6.27 22.06
N THR A 228 16.73 -5.02 22.27
CA THR A 228 17.19 -4.30 23.46
C THR A 228 16.54 -4.97 24.66
N ARG A 229 17.35 -5.28 25.68
CA ARG A 229 16.83 -5.92 26.89
C ARG A 229 16.17 -4.87 27.81
N VAL A 230 14.82 -4.85 27.85
CA VAL A 230 14.10 -3.82 28.60
C VAL A 230 14.54 -3.70 30.06
N THR A 231 14.77 -4.82 30.76
CA THR A 231 15.13 -4.76 32.18
C THR A 231 16.36 -3.88 32.47
N TYR A 232 17.27 -3.79 31.48
CA TYR A 232 18.49 -3.00 31.64
C TYR A 232 18.27 -1.49 31.72
N TYR A 233 17.13 -1.03 31.23
CA TYR A 233 16.85 0.39 31.07
C TYR A 233 15.69 0.89 31.93
N LEU A 234 15.29 0.09 32.93
CA LEU A 234 14.13 0.45 33.78
C LEU A 234 14.33 1.76 34.56
N ASP A 235 15.51 1.93 35.17
CA ASP A 235 15.81 3.17 35.87
C ASP A 235 15.76 4.37 34.94
N TRP A 236 16.32 4.24 33.74
CA TRP A 236 16.28 5.33 32.75
C TRP A 236 14.83 5.66 32.35
N ILE A 237 14.07 4.62 32.00
CA ILE A 237 12.65 4.82 31.65
C ILE A 237 11.91 5.58 32.76
N HIS A 238 12.11 5.15 34.01
CA HIS A 238 11.42 5.74 35.15
C HIS A 238 11.86 7.16 35.47
N HIS A 239 12.96 7.59 34.87
CA HIS A 239 13.36 8.98 35.02
C HIS A 239 12.36 9.92 34.32
N TYR A 240 11.68 9.41 33.30
CA TYR A 240 10.78 10.21 32.46
C TYR A 240 9.32 9.80 32.55
N VAL A 241 9.08 8.51 32.67
CA VAL A 241 7.71 8.00 32.62
C VAL A 241 7.17 7.81 34.05
N PRO A 242 6.09 8.53 34.41
CA PRO A 242 5.46 8.46 35.75
C PRO A 242 5.14 7.05 36.21
N ILE B 1 -4.95 9.19 -11.42
CA ILE B 1 -5.70 10.43 -11.74
C ILE B 1 -4.92 11.66 -11.29
N VAL B 2 -4.70 12.61 -12.19
CA VAL B 2 -3.99 13.85 -11.86
C VAL B 2 -5.00 14.97 -11.65
N GLY B 3 -4.84 15.66 -10.53
CA GLY B 3 -5.57 16.89 -10.28
C GLY B 3 -6.98 16.65 -9.82
N GLY B 4 -7.26 15.48 -9.29
CA GLY B 4 -8.66 15.21 -8.91
C GLY B 4 -8.90 15.28 -7.42
N GLN B 5 -9.91 14.54 -6.98
CA GLN B 5 -10.23 14.40 -5.55
C GLN B 5 -10.68 12.98 -5.36
N GLU B 6 -10.76 12.54 -4.11
CA GLU B 6 -11.32 11.23 -3.80
C GLU B 6 -12.80 11.25 -4.15
N ALA B 7 -13.30 10.18 -4.77
CA ALA B 7 -14.71 10.09 -5.16
C ALA B 7 -15.62 9.94 -3.95
N PRO B 8 -16.83 10.53 -3.98
CA PRO B 8 -17.82 10.18 -2.96
C PRO B 8 -18.15 8.70 -3.10
N ARG B 9 -18.46 8.04 -1.98
CA ARG B 9 -18.72 6.58 -2.00
C ARG B 9 -19.88 6.18 -2.94
N SER B 10 -20.86 7.07 -3.11
CA SER B 10 -22.01 6.80 -3.97
C SER B 10 -21.78 7.00 -5.47
N LYS B 11 -20.58 7.46 -5.86
CA LYS B 11 -20.31 7.76 -7.28
C LYS B 11 -19.51 6.67 -7.95
N TRP B 12 -19.74 6.50 -9.25
CA TRP B 12 -18.99 5.56 -10.12
C TRP B 12 -19.17 4.07 -9.76
N PRO B 13 -20.43 3.61 -9.61
CA PRO B 13 -20.67 2.22 -9.14
C PRO B 13 -20.22 1.11 -10.12
N TRP B 14 -19.80 1.53 -11.31
CA TRP B 14 -19.34 0.65 -12.40
C TRP B 14 -17.82 0.52 -12.43
N GLN B 15 -17.11 1.33 -11.65
CA GLN B 15 -15.63 1.30 -11.69
C GLN B 15 -15.15 -0.05 -11.20
N VAL B 16 -14.21 -0.67 -11.94
CA VAL B 16 -13.55 -1.91 -11.45
C VAL B 16 -12.03 -1.82 -11.47
N SER B 17 -11.38 -2.70 -10.68
CA SER B 17 -9.94 -2.80 -10.67
C SER B 17 -9.53 -4.16 -11.22
N LEU B 18 -8.55 -4.18 -12.12
CA LEU B 18 -7.94 -5.42 -12.59
C LEU B 18 -6.72 -5.77 -11.80
N ARG B 19 -6.64 -7.03 -11.36
CA ARG B 19 -5.56 -7.51 -10.47
C ARG B 19 -4.79 -8.63 -11.10
N VAL B 20 -3.48 -8.59 -10.88
CA VAL B 20 -2.57 -9.61 -11.38
C VAL B 20 -1.92 -10.34 -10.20
N HIS B 21 -1.78 -11.66 -10.35
CA HIS B 21 -1.22 -12.52 -9.31
C HIS B 21 0.25 -12.23 -9.07
N GLY B 22 0.64 -12.15 -7.79
CA GLY B 22 2.04 -11.93 -7.41
C GLY B 22 2.14 -12.08 -5.91
N PRO B 23 3.06 -11.35 -5.26
CA PRO B 23 3.11 -11.30 -3.79
C PRO B 23 1.75 -10.91 -3.21
N TYR B 24 1.02 -10.04 -3.91
CA TYR B 24 -0.38 -9.81 -3.59
C TYR B 24 -1.11 -9.58 -4.92
N TRP B 25 -2.44 -9.60 -4.89
CA TRP B 25 -3.23 -9.31 -6.08
C TRP B 25 -3.19 -7.82 -6.36
N MET B 26 -2.22 -7.43 -7.16
CA MET B 26 -1.89 -6.04 -7.42
C MET B 26 -2.69 -5.38 -8.54
N HIS B 27 -3.15 -4.14 -8.28
CA HIS B 27 -3.87 -3.34 -9.28
C HIS B 27 -2.96 -2.97 -10.45
N PHE B 28 -3.42 -3.25 -11.68
CA PHE B 28 -2.63 -2.83 -12.86
C PHE B 28 -3.41 -2.02 -13.88
N CYS B 29 -4.74 -2.02 -13.79
CA CYS B 29 -5.55 -1.34 -14.77
C CYS B 29 -6.94 -1.16 -14.22
N GLY B 30 -7.70 -0.26 -14.82
CA GLY B 30 -9.09 -0.13 -14.48
C GLY B 30 -9.96 -0.86 -15.50
N GLY B 31 -11.25 -0.76 -15.29
CA GLY B 31 -12.25 -1.21 -16.28
C GLY B 31 -13.59 -0.73 -15.79
N SER B 32 -14.65 -1.09 -16.50
CA SER B 32 -16.00 -0.67 -16.12
C SER B 32 -16.97 -1.83 -16.30
N LEU B 33 -17.93 -1.93 -15.39
CA LEU B 33 -18.96 -2.96 -15.53
C LEU B 33 -20.04 -2.48 -16.52
N ILE B 34 -20.11 -3.11 -17.68
CA ILE B 34 -21.08 -2.71 -18.72
C ILE B 34 -22.31 -3.63 -18.83
N HIS B 35 -22.29 -4.74 -18.11
CA HIS B 35 -23.35 -5.73 -18.11
C HIS B 35 -23.07 -6.55 -16.85
N PRO B 36 -24.12 -7.12 -16.21
CA PRO B 36 -23.83 -7.96 -15.03
C PRO B 36 -22.67 -8.96 -15.17
N GLN B 37 -22.39 -9.46 -16.37
CA GLN B 37 -21.31 -10.46 -16.51
C GLN B 37 -20.11 -9.96 -17.36
N TRP B 38 -20.07 -8.65 -17.61
CA TRP B 38 -19.05 -8.11 -18.53
C TRP B 38 -18.40 -6.81 -18.10
N VAL B 39 -17.08 -6.81 -18.16
CA VAL B 39 -16.21 -5.66 -17.90
C VAL B 39 -15.58 -5.18 -19.20
N LEU B 40 -15.67 -3.87 -19.45
CA LEU B 40 -14.98 -3.21 -20.57
C LEU B 40 -13.63 -2.66 -20.08
N THR B 41 -12.57 -2.88 -20.85
CA THR B 41 -11.25 -2.36 -20.46
C THR B 41 -10.43 -2.04 -21.72
N ALA B 42 -9.14 -1.77 -21.57
CA ALA B 42 -8.28 -1.48 -22.72
C ALA B 42 -7.56 -2.76 -23.10
N ALA B 43 -7.42 -2.99 -24.39
CA ALA B 43 -6.72 -4.18 -24.89
C ALA B 43 -5.27 -4.19 -24.40
N HIS B 44 -4.66 -3.01 -24.28
CA HIS B 44 -3.27 -2.98 -23.87
C HIS B 44 -3.06 -3.42 -22.43
N CYS B 45 -4.11 -3.42 -21.62
CA CYS B 45 -4.02 -3.89 -20.26
C CYS B 45 -3.82 -5.41 -20.23
N VAL B 46 -4.33 -6.09 -21.27
CA VAL B 46 -4.34 -7.56 -21.31
C VAL B 46 -3.66 -8.18 -22.54
N GLY B 47 -3.11 -7.33 -23.41
CA GLY B 47 -2.48 -7.84 -24.65
C GLY B 47 -1.37 -6.93 -25.15
N PRO B 48 -0.89 -7.15 -26.38
CA PRO B 48 -1.44 -8.12 -27.33
C PRO B 48 -1.07 -9.57 -27.05
N ASP B 49 -0.13 -9.84 -26.17
CA ASP B 49 0.26 -11.24 -25.91
C ASP B 49 -0.78 -11.89 -25.00
N VAL B 50 -1.10 -13.16 -25.26
CA VAL B 50 -2.12 -13.90 -24.51
C VAL B 50 -1.51 -14.26 -23.16
N LYS B 51 -2.23 -13.94 -22.09
CA LYS B 51 -1.81 -14.35 -20.76
C LYS B 51 -2.80 -15.34 -20.12
N ASP B 52 -2.36 -15.94 -19.01
CA ASP B 52 -3.13 -16.93 -18.27
C ASP B 52 -4.32 -16.29 -17.54
N LEU B 53 -5.51 -16.86 -17.81
N LEU B 53 -5.51 -16.83 -17.80
CA LEU B 53 -6.75 -16.46 -17.16
CA LEU B 53 -6.73 -16.37 -17.12
C LEU B 53 -6.65 -16.52 -15.64
C LEU B 53 -6.63 -16.49 -15.60
N ALA B 54 -5.93 -17.52 -15.15
CA ALA B 54 -5.76 -17.79 -13.73
C ALA B 54 -4.98 -16.71 -12.96
N ALA B 55 -4.25 -15.86 -13.70
CA ALA B 55 -3.40 -14.82 -13.13
C ALA B 55 -4.15 -13.51 -13.08
N LEU B 56 -5.44 -13.53 -13.41
CA LEU B 56 -6.25 -12.31 -13.48
C LEU B 56 -7.46 -12.34 -12.54
N ARG B 57 -7.72 -11.24 -11.84
CA ARG B 57 -8.97 -11.10 -11.09
C ARG B 57 -9.60 -9.75 -11.34
N VAL B 58 -10.91 -9.69 -11.15
CA VAL B 58 -11.65 -8.43 -11.18
C VAL B 58 -12.09 -8.09 -9.76
N GLN B 59 -11.89 -6.84 -9.39
CA GLN B 59 -12.40 -6.32 -8.12
C GLN B 59 -13.45 -5.27 -8.47
N LEU B 60 -14.65 -5.42 -7.91
CA LEU B 60 -15.69 -4.40 -8.08
C LEU B 60 -15.45 -3.15 -7.23
N ARG B 61 -16.28 -2.12 -7.46
CA ARG B 61 -16.17 -0.82 -6.77
C ARG B 61 -15.80 -0.97 -5.30
N GLU B 62 -14.65 -0.45 -4.91
CA GLU B 62 -14.32 -0.29 -3.51
C GLU B 62 -13.72 1.10 -3.30
N GLN B 63 -13.98 1.68 -2.14
CA GLN B 63 -13.50 3.04 -1.86
C GLN B 63 -11.98 3.09 -1.77
N HIS B 64 -11.36 2.06 -1.20
CA HIS B 64 -9.92 2.00 -1.02
C HIS B 64 -9.40 0.66 -1.51
N LEU B 65 -8.49 0.67 -2.47
CA LEU B 65 -7.92 -0.58 -2.96
C LEU B 65 -7.38 -1.47 -1.85
N TYR B 66 -7.62 -2.77 -2.00
CA TYR B 66 -7.02 -3.82 -1.17
C TYR B 66 -7.65 -4.06 0.18
N TYR B 67 -8.48 -3.12 0.65
N TYR B 67 -8.45 -3.09 0.65
CA TYR B 67 -8.93 -3.19 2.06
CA TYR B 67 -8.97 -3.13 2.01
C TYR B 67 -10.03 -4.19 2.39
C TYR B 67 -9.90 -4.31 2.23
N GLN B 68 -11.00 -4.34 1.51
CA GLN B 68 -11.93 -5.45 1.67
C GLN B 68 -12.18 -6.04 0.31
N ASP B 69 -11.14 -6.66 -0.24
CA ASP B 69 -11.22 -7.22 -1.57
C ASP B 69 -12.22 -8.36 -1.57
N GLN B 70 -12.95 -8.51 -2.67
CA GLN B 70 -13.70 -9.72 -2.97
C GLN B 70 -13.43 -10.04 -4.43
N LEU B 71 -12.37 -10.81 -4.67
CA LEU B 71 -11.82 -10.96 -6.02
C LEU B 71 -12.63 -11.92 -6.86
N LEU B 72 -12.88 -11.52 -8.11
CA LEU B 72 -13.72 -12.30 -9.02
C LEU B 72 -12.93 -12.89 -10.21
N PRO B 73 -13.08 -14.21 -10.44
CA PRO B 73 -12.43 -14.84 -11.59
C PRO B 73 -13.05 -14.44 -12.93
N VAL B 74 -12.25 -14.52 -13.98
CA VAL B 74 -12.63 -14.15 -15.33
C VAL B 74 -12.72 -15.46 -16.14
N SER B 75 -13.80 -15.62 -16.91
CA SER B 75 -14.00 -16.80 -17.75
C SER B 75 -13.46 -16.66 -19.17
N ARG B 76 -13.30 -15.43 -19.69
CA ARG B 76 -12.76 -15.20 -21.04
C ARG B 76 -12.28 -13.77 -21.20
N ILE B 77 -11.16 -13.59 -21.90
CA ILE B 77 -10.64 -12.28 -22.29
C ILE B 77 -10.79 -12.17 -23.79
N ILE B 78 -11.53 -11.15 -24.22
CA ILE B 78 -11.73 -10.90 -25.65
C ILE B 78 -11.09 -9.59 -26.01
N VAL B 79 -10.01 -9.66 -26.78
CA VAL B 79 -9.23 -8.48 -27.15
C VAL B 79 -9.57 -8.17 -28.61
N HIS B 80 -9.88 -6.92 -28.93
CA HIS B 80 -10.20 -6.58 -30.32
C HIS B 80 -9.10 -7.11 -31.25
N PRO B 81 -9.47 -7.89 -32.28
CA PRO B 81 -8.45 -8.51 -33.13
C PRO B 81 -7.57 -7.54 -33.91
N GLN B 82 -7.98 -6.28 -34.02
CA GLN B 82 -7.17 -5.32 -34.73
C GLN B 82 -6.07 -4.75 -33.84
N PHE B 83 -6.15 -5.03 -32.54
CA PHE B 83 -5.22 -4.42 -31.60
C PHE B 83 -3.82 -5.03 -31.59
N TYR B 84 -2.82 -4.16 -31.67
CA TYR B 84 -1.51 -4.54 -31.17
C TYR B 84 -0.73 -3.46 -30.44
N THR B 85 -0.99 -2.18 -30.70
CA THR B 85 -0.47 -1.11 -29.82
C THR B 85 -1.52 -0.04 -29.63
N ALA B 86 -1.49 0.60 -28.47
CA ALA B 86 -2.42 1.69 -28.17
C ALA B 86 -2.36 2.82 -29.18
N GLN B 87 -1.17 3.13 -29.68
CA GLN B 87 -1.01 4.26 -30.61
C GLN B 87 -1.60 3.97 -31.97
N ILE B 88 -1.58 2.70 -32.36
CA ILE B 88 -2.23 2.31 -33.61
C ILE B 88 -3.73 2.33 -33.46
N GLY B 89 -4.23 1.86 -32.31
CA GLY B 89 -5.65 1.93 -32.04
C GLY B 89 -6.29 0.58 -31.77
N ALA B 90 -7.61 0.55 -31.83
CA ALA B 90 -8.45 -0.60 -31.44
C ALA B 90 -8.13 -1.05 -30.01
N ASP B 91 -7.83 -0.07 -29.15
CA ASP B 91 -7.40 -0.35 -27.77
C ASP B 91 -8.62 -0.62 -26.88
N ILE B 92 -9.21 -1.81 -27.05
CA ILE B 92 -10.45 -2.14 -26.33
C ILE B 92 -10.55 -3.66 -26.16
N ALA B 93 -11.07 -4.09 -25.01
CA ALA B 93 -11.19 -5.51 -24.70
C ALA B 93 -12.35 -5.73 -23.74
N LEU B 94 -12.84 -6.96 -23.73
CA LEU B 94 -13.91 -7.41 -22.86
C LEU B 94 -13.41 -8.50 -21.93
N LEU B 95 -13.81 -8.41 -20.66
CA LEU B 95 -13.63 -9.51 -19.73
C LEU B 95 -14.97 -10.11 -19.36
N GLU B 96 -15.14 -11.40 -19.65
CA GLU B 96 -16.36 -12.10 -19.26
C GLU B 96 -16.15 -12.66 -17.87
N LEU B 97 -17.03 -12.29 -16.96
CA LEU B 97 -16.91 -12.77 -15.60
C LEU B 97 -17.44 -14.20 -15.48
N GLU B 98 -16.95 -14.94 -14.49
CA GLU B 98 -17.38 -16.31 -14.35
C GLU B 98 -18.82 -16.43 -13.86
N GLU B 99 -19.29 -15.38 -13.18
CA GLU B 99 -20.68 -15.30 -12.71
C GLU B 99 -21.24 -13.92 -13.01
N PRO B 100 -22.55 -13.81 -13.23
CA PRO B 100 -23.08 -12.44 -13.23
C PRO B 100 -22.87 -11.75 -11.87
N VAL B 101 -22.79 -10.44 -11.88
CA VAL B 101 -22.78 -9.68 -10.64
C VAL B 101 -24.24 -9.46 -10.20
N LYS B 102 -24.50 -9.62 -8.91
CA LYS B 102 -25.75 -9.08 -8.35
C LYS B 102 -25.62 -7.56 -8.19
N VAL B 103 -26.35 -6.82 -9.02
CA VAL B 103 -26.19 -5.36 -9.13
C VAL B 103 -27.01 -4.61 -8.06
N SER B 104 -26.41 -3.56 -7.49
CA SER B 104 -27.12 -2.75 -6.49
C SER B 104 -27.03 -1.24 -6.81
N SER B 105 -27.43 -0.41 -5.85
CA SER B 105 -27.23 1.03 -5.99
C SER B 105 -25.74 1.34 -5.85
N HIS B 106 -25.05 0.52 -5.03
CA HIS B 106 -23.61 0.66 -4.80
C HIS B 106 -22.72 0.10 -5.94
N VAL B 107 -23.16 -1.01 -6.54
CA VAL B 107 -22.46 -1.62 -7.67
C VAL B 107 -23.46 -1.84 -8.79
N HIS B 108 -23.29 -1.11 -9.89
CA HIS B 108 -24.12 -1.34 -11.09
C HIS B 108 -23.44 -0.93 -12.38
N THR B 109 -24.07 -1.24 -13.50
CA THR B 109 -23.45 -1.04 -14.81
C THR B 109 -23.54 0.39 -15.28
N VAL B 110 -22.62 0.75 -16.19
CA VAL B 110 -22.66 2.03 -16.88
C VAL B 110 -23.35 1.84 -18.24
N THR B 111 -24.15 2.82 -18.66
CA THR B 111 -24.81 2.77 -19.94
C THR B 111 -23.81 3.13 -21.04
N LEU B 112 -23.85 2.37 -22.13
CA LEU B 112 -23.11 2.71 -23.34
C LEU B 112 -23.85 3.74 -24.19
N PRO B 113 -23.12 4.60 -24.91
CA PRO B 113 -23.76 5.61 -25.77
C PRO B 113 -24.45 4.97 -26.97
N PRO B 114 -25.50 5.61 -27.51
CA PRO B 114 -25.97 5.22 -28.84
C PRO B 114 -24.93 5.55 -29.90
N ALA B 115 -24.99 4.84 -31.04
CA ALA B 115 -24.00 5.00 -32.10
C ALA B 115 -23.90 6.45 -32.56
N SER B 116 -25.05 7.13 -32.52
CA SER B 116 -25.17 8.49 -33.02
C SER B 116 -24.63 9.54 -32.06
N GLU B 117 -24.19 9.11 -30.88
CA GLU B 117 -23.84 10.04 -29.85
C GLU B 117 -22.52 10.72 -30.16
N THR B 118 -22.61 12.02 -30.24
CA THR B 118 -21.42 12.85 -30.34
C THR B 118 -21.17 13.42 -28.95
N PHE B 119 -19.92 13.43 -28.52
CA PHE B 119 -19.65 14.09 -27.27
C PHE B 119 -18.97 15.39 -27.65
N PRO B 120 -19.71 16.51 -27.63
CA PRO B 120 -19.18 17.75 -28.19
C PRO B 120 -17.97 18.27 -27.42
N PRO B 121 -17.03 18.90 -28.13
CA PRO B 121 -15.91 19.56 -27.47
C PRO B 121 -16.38 20.45 -26.34
N GLY B 122 -15.70 20.34 -25.20
CA GLY B 122 -16.00 21.15 -24.04
C GLY B 122 -17.05 20.55 -23.13
N MET B 123 -17.69 19.46 -23.55
CA MET B 123 -18.60 18.75 -22.65
C MET B 123 -17.83 18.29 -21.39
N PRO B 124 -18.32 18.64 -20.19
CA PRO B 124 -17.66 18.12 -18.98
C PRO B 124 -17.94 16.65 -18.77
N CYS B 125 -16.86 15.89 -18.68
CA CYS B 125 -16.90 14.46 -18.45
C CYS B 125 -15.99 14.21 -17.29
N TRP B 126 -15.98 12.97 -16.79
CA TRP B 126 -15.21 12.60 -15.61
C TRP B 126 -14.43 11.35 -15.93
N VAL B 127 -13.17 11.29 -15.51
CA VAL B 127 -12.45 10.02 -15.58
C VAL B 127 -12.12 9.62 -14.15
N THR B 128 -12.04 8.32 -13.91
CA THR B 128 -11.90 7.82 -12.53
C THR B 128 -10.88 6.71 -12.48
N GLY B 129 -10.30 6.44 -11.31
CA GLY B 129 -9.36 5.34 -11.23
C GLY B 129 -8.45 5.41 -10.04
N TRP B 130 -7.64 4.36 -9.89
CA TRP B 130 -6.67 4.32 -8.80
C TRP B 130 -5.22 4.50 -9.32
N GLY B 131 -5.04 5.19 -10.43
CA GLY B 131 -3.72 5.33 -11.01
C GLY B 131 -2.88 6.46 -10.44
N ASP B 132 -1.71 6.67 -11.04
CA ASP B 132 -0.75 7.65 -10.56
C ASP B 132 -1.36 9.05 -10.43
N VAL B 133 -0.89 9.77 -9.43
CA VAL B 133 -1.38 11.11 -9.15
C VAL B 133 -0.55 12.21 -9.85
N ASP B 134 0.53 11.81 -10.50
CA ASP B 134 1.33 12.65 -11.38
C ASP B 134 2.30 11.71 -12.08
N ASN B 135 3.09 12.26 -13.00
CA ASN B 135 4.10 11.46 -13.67
C ASN B 135 5.00 10.84 -12.61
N ASP B 136 5.10 9.51 -12.64
N ASP B 136 5.17 9.53 -12.68
CA ASP B 136 5.97 8.74 -11.76
CA ASP B 136 6.01 8.78 -11.74
C ASP B 136 5.61 8.80 -10.28
C ASP B 136 5.68 9.07 -10.28
N GLU B 137 4.38 9.18 -9.98
CA GLU B 137 3.91 9.46 -8.62
C GLU B 137 2.72 8.54 -8.33
N ARG B 138 2.97 7.45 -7.60
CA ARG B 138 1.95 6.45 -7.28
C ARG B 138 0.85 7.06 -6.43
N LEU B 139 -0.36 6.54 -6.54
CA LEU B 139 -1.39 6.90 -5.57
C LEU B 139 -0.96 6.38 -4.18
N PRO B 140 -0.83 7.27 -3.19
CA PRO B 140 -0.44 6.78 -1.86
C PRO B 140 -1.50 5.91 -1.18
N PRO B 141 -1.06 5.04 -0.25
CA PRO B 141 -2.00 4.38 0.65
C PRO B 141 -2.81 5.47 1.37
N PRO B 142 -4.10 5.23 1.67
CA PRO B 142 -4.87 4.00 1.49
C PRO B 142 -5.57 3.83 0.14
N PHE B 143 -5.02 4.42 -0.93
CA PHE B 143 -5.48 4.18 -2.28
C PHE B 143 -6.98 4.45 -2.48
N PRO B 144 -7.42 5.70 -2.23
CA PRO B 144 -8.82 6.05 -2.53
C PRO B 144 -9.09 6.07 -4.02
N LEU B 145 -10.28 5.66 -4.42
CA LEU B 145 -10.70 5.89 -5.80
C LEU B 145 -10.76 7.40 -6.03
N LYS B 146 -10.11 7.86 -7.10
N LYS B 146 -10.13 7.86 -7.10
CA LYS B 146 -10.08 9.29 -7.45
CA LYS B 146 -10.13 9.30 -7.39
C LYS B 146 -10.99 9.61 -8.64
C LYS B 146 -10.92 9.63 -8.67
N GLN B 147 -11.36 10.88 -8.77
CA GLN B 147 -12.13 11.36 -9.92
C GLN B 147 -11.58 12.69 -10.37
N VAL B 148 -11.75 13.00 -11.66
CA VAL B 148 -11.43 14.32 -12.13
C VAL B 148 -12.31 14.67 -13.32
N LYS B 149 -12.78 15.92 -13.33
CA LYS B 149 -13.60 16.43 -14.43
C LYS B 149 -12.69 16.95 -15.53
N VAL B 150 -12.90 16.47 -16.75
CA VAL B 150 -12.08 16.86 -17.90
C VAL B 150 -12.96 17.22 -19.10
N PRO B 151 -12.65 18.34 -19.78
CA PRO B 151 -13.46 18.67 -20.97
C PRO B 151 -13.05 17.85 -22.20
N ILE B 152 -14.04 17.40 -22.98
CA ILE B 152 -13.79 16.73 -24.26
C ILE B 152 -12.99 17.68 -25.14
N MET B 153 -12.07 17.15 -25.92
CA MET B 153 -11.40 17.95 -26.91
C MET B 153 -11.71 17.41 -28.30
N GLU B 154 -11.89 18.29 -29.28
CA GLU B 154 -12.10 17.84 -30.65
C GLU B 154 -10.88 17.06 -31.16
N ASN B 155 -11.12 15.97 -31.90
CA ASN B 155 -10.02 15.14 -32.43
C ASN B 155 -9.00 15.90 -33.25
N HIS B 156 -9.48 16.75 -34.14
CA HIS B 156 -8.59 17.47 -35.02
C HIS B 156 -7.63 18.33 -34.18
N ILE B 157 -8.16 18.96 -33.12
CA ILE B 157 -7.36 19.78 -32.22
C ILE B 157 -6.39 18.94 -31.41
N CYS B 158 -6.86 17.79 -30.91
CA CYS B 158 -5.98 16.91 -30.17
C CYS B 158 -4.82 16.44 -31.05
N ASP B 159 -5.14 16.06 -32.28
CA ASP B 159 -4.12 15.61 -33.23
C ASP B 159 -3.09 16.71 -33.46
N ALA B 160 -3.57 17.94 -33.60
CA ALA B 160 -2.71 19.10 -33.83
C ALA B 160 -1.77 19.37 -32.64
N LYS B 161 -2.29 19.25 -31.42
CA LYS B 161 -1.47 19.42 -30.21
C LYS B 161 -0.32 18.41 -30.15
N TYR B 162 -0.62 17.15 -30.47
CA TYR B 162 0.44 16.12 -30.52
C TYR B 162 1.54 16.36 -31.58
N HIS B 163 1.26 17.22 -32.56
CA HIS B 163 2.26 17.64 -33.52
C HIS B 163 3.11 18.81 -33.03
N LEU B 164 2.61 19.56 -32.06
CA LEU B 164 3.39 20.69 -31.54
C LEU B 164 4.57 20.19 -30.75
N GLY B 165 5.77 20.71 -31.05
CA GLY B 165 7.01 20.27 -30.39
C GLY B 165 7.40 18.86 -30.80
N ALA B 166 6.92 18.42 -31.96
CA ALA B 166 7.28 17.08 -32.48
C ALA B 166 7.74 17.16 -33.94
N TYR B 167 8.52 16.17 -34.37
CA TYR B 167 8.96 16.12 -35.77
C TYR B 167 7.90 15.65 -36.78
N THR B 168 6.88 14.94 -36.32
CA THR B 168 5.91 14.28 -37.19
C THR B 168 5.22 15.28 -38.13
N GLY B 169 5.08 14.92 -39.40
CA GLY B 169 4.48 15.81 -40.40
C GLY B 169 3.04 16.09 -40.06
N ASP B 170 2.60 17.32 -40.33
CA ASP B 170 1.22 17.75 -39.99
C ASP B 170 0.15 16.91 -40.67
N ASP B 171 0.47 16.37 -41.82
CA ASP B 171 -0.47 15.55 -42.60
C ASP B 171 -0.53 14.10 -42.09
N VAL B 172 0.30 13.78 -41.09
CA VAL B 172 0.41 12.40 -40.62
C VAL B 172 -0.44 12.31 -39.36
N ARG B 173 -1.45 11.46 -39.38
CA ARG B 173 -2.49 11.45 -38.34
C ARG B 173 -2.01 10.63 -37.15
N ILE B 174 -1.93 11.26 -35.98
CA ILE B 174 -1.47 10.57 -34.78
C ILE B 174 -2.70 10.14 -33.96
N VAL B 175 -3.62 11.07 -33.76
CA VAL B 175 -4.83 10.80 -32.98
C VAL B 175 -5.88 10.39 -33.99
N ARG B 176 -6.31 9.14 -33.90
CA ARG B 176 -7.14 8.53 -34.95
C ARG B 176 -8.63 8.61 -34.67
N ASP B 177 -9.44 8.25 -35.68
CA ASP B 177 -10.90 8.40 -35.60
C ASP B 177 -11.55 7.50 -34.55
N ASP B 178 -10.87 6.41 -34.18
CA ASP B 178 -11.36 5.55 -33.11
C ASP B 178 -10.86 5.96 -31.71
N MET B 179 -10.24 7.14 -31.64
CA MET B 179 -9.79 7.76 -30.39
C MET B 179 -10.56 9.03 -30.06
N LEU B 180 -10.48 9.44 -28.79
CA LEU B 180 -11.14 10.62 -28.29
C LEU B 180 -10.18 11.24 -27.27
N CYS B 181 -10.14 12.56 -27.21
CA CYS B 181 -9.23 13.23 -26.27
C CYS B 181 -9.94 14.04 -25.20
N ALA B 182 -9.37 14.03 -24.01
CA ALA B 182 -9.84 14.86 -22.91
C ALA B 182 -8.67 15.19 -21.99
N GLY B 183 -8.72 16.36 -21.34
CA GLY B 183 -7.74 16.71 -20.31
C GLY B 183 -6.89 17.93 -20.62
N ASN B 184 -6.13 18.39 -19.63
CA ASN B 184 -5.20 19.49 -19.82
C ASN B 184 -4.01 19.36 -18.91
N THR B 185 -3.31 20.46 -18.65
CA THR B 185 -2.11 20.43 -17.82
C THR B 185 -2.40 20.41 -16.32
N ARG B 186 -3.66 20.56 -15.94
CA ARG B 186 -4.01 20.43 -14.53
C ARG B 186 -4.79 19.15 -14.18
N ARG B 187 -5.44 18.55 -15.19
N ARG B 187 -5.40 18.54 -15.20
CA ARG B 187 -6.44 17.48 -15.01
CA ARG B 187 -6.35 17.45 -15.01
C ARG B 187 -6.32 16.38 -16.07
C ARG B 187 -6.11 16.40 -16.07
N ASP B 188 -6.04 15.14 -15.64
CA ASP B 188 -5.78 14.03 -16.59
C ASP B 188 -5.91 12.66 -15.91
N SER B 189 -5.96 11.62 -16.73
CA SER B 189 -5.77 10.24 -16.27
C SER B 189 -4.26 9.91 -16.30
N CYS B 190 -3.86 8.77 -15.76
CA CYS B 190 -2.42 8.50 -15.71
C CYS B 190 -2.19 6.99 -15.65
N GLN B 191 -0.94 6.57 -15.67
CA GLN B 191 -0.59 5.17 -15.51
C GLN B 191 -1.36 4.54 -14.34
N GLY B 192 -1.97 3.39 -14.57
CA GLY B 192 -2.80 2.72 -13.55
C GLY B 192 -4.28 3.00 -13.73
N ASP B 193 -4.60 4.08 -14.42
CA ASP B 193 -5.99 4.41 -14.77
C ASP B 193 -6.44 3.73 -16.08
N SER B 194 -5.46 3.27 -16.85
CA SER B 194 -5.65 2.60 -18.15
C SER B 194 -6.76 1.57 -18.08
N GLY B 195 -7.63 1.57 -19.09
CA GLY B 195 -8.73 0.63 -19.15
C GLY B 195 -10.00 1.11 -18.47
N GLY B 196 -9.86 2.09 -17.58
CA GLY B 196 -11.02 2.66 -16.88
C GLY B 196 -11.86 3.62 -17.72
N PRO B 197 -13.00 4.10 -17.16
CA PRO B 197 -13.97 4.87 -17.89
C PRO B 197 -13.79 6.38 -17.90
N LEU B 198 -14.10 6.98 -19.06
CA LEU B 198 -14.42 8.38 -19.17
C LEU B 198 -15.93 8.42 -19.42
N VAL B 199 -16.65 9.07 -18.51
CA VAL B 199 -18.11 9.07 -18.59
C VAL B 199 -18.59 10.49 -18.69
N CYS B 200 -19.65 10.72 -19.46
CA CYS B 200 -20.23 12.06 -19.59
C CYS B 200 -21.72 11.93 -19.30
N LYS B 201 -22.24 12.87 -18.52
CA LYS B 201 -23.67 12.85 -18.24
C LYS B 201 -24.40 13.61 -19.33
N VAL B 202 -25.19 12.90 -20.13
CA VAL B 202 -25.87 13.50 -21.28
C VAL B 202 -27.33 13.60 -20.97
N ASN B 203 -27.83 14.84 -21.07
CA ASN B 203 -29.16 15.24 -20.64
C ASN B 203 -29.67 14.58 -19.32
N GLY B 204 -28.76 14.36 -18.36
CA GLY B 204 -29.12 13.70 -17.08
C GLY B 204 -28.81 12.21 -16.95
N THR B 205 -28.06 11.61 -17.87
CA THR B 205 -27.70 10.19 -17.75
C THR B 205 -26.25 9.96 -18.10
N TRP B 206 -25.52 9.21 -17.26
CA TRP B 206 -24.10 8.87 -17.49
C TRP B 206 -23.86 7.88 -18.64
N LEU B 207 -23.13 8.32 -19.67
CA LEU B 207 -22.73 7.45 -20.77
C LEU B 207 -21.23 7.29 -20.77
N GLN B 208 -20.75 6.06 -21.03
CA GLN B 208 -19.32 5.87 -21.20
C GLN B 208 -18.85 6.26 -22.59
N ALA B 209 -18.21 7.43 -22.67
CA ALA B 209 -17.64 7.95 -23.92
C ALA B 209 -16.31 7.29 -24.32
N GLY B 210 -15.48 6.97 -23.31
CA GLY B 210 -14.08 6.62 -23.54
C GLY B 210 -13.50 5.55 -22.61
N VAL B 211 -12.46 4.89 -23.10
CA VAL B 211 -11.68 3.96 -22.29
C VAL B 211 -10.27 4.55 -22.22
N VAL B 212 -9.76 4.81 -21.00
CA VAL B 212 -8.36 5.31 -20.85
C VAL B 212 -7.37 4.47 -21.67
N SER B 213 -6.64 5.10 -22.59
CA SER B 213 -5.80 4.32 -23.53
C SER B 213 -4.32 4.70 -23.48
N TRP B 214 -4.00 5.94 -23.85
CA TRP B 214 -2.59 6.35 -23.85
C TRP B 214 -2.40 7.87 -23.84
N GLY B 215 -1.13 8.28 -23.90
CA GLY B 215 -0.77 9.69 -24.01
C GLY B 215 0.68 9.84 -23.68
N GLU B 216 1.24 11.02 -23.91
CA GLU B 216 2.62 11.27 -23.49
C GLU B 216 2.58 11.73 -22.05
N GLY B 217 2.93 10.83 -21.15
CA GLY B 217 2.82 11.09 -19.71
C GLY B 217 1.45 11.60 -19.31
N CYS B 218 1.43 12.44 -18.28
CA CYS B 218 0.17 12.86 -17.66
C CYS B 218 0.14 14.36 -17.45
N ALA B 219 -0.93 15.01 -17.89
CA ALA B 219 -1.10 16.47 -17.74
C ALA B 219 0.11 17.27 -18.27
N GLN B 220 0.66 16.85 -19.40
N GLN B 220 0.65 16.87 -19.41
CA GLN B 220 1.82 17.54 -20.01
CA GLN B 220 1.81 17.55 -19.98
C GLN B 220 1.32 18.56 -21.02
C GLN B 220 1.33 18.55 -21.03
N PRO B 221 2.07 19.68 -21.19
CA PRO B 221 1.67 20.67 -22.21
C PRO B 221 1.49 20.01 -23.58
N ASN B 222 0.33 20.24 -24.19
CA ASN B 222 0.07 19.84 -25.58
C ASN B 222 -0.02 18.33 -25.76
N ARG B 223 -0.21 17.63 -24.66
CA ARG B 223 -0.35 16.17 -24.71
C ARG B 223 -1.55 15.71 -23.88
N PRO B 224 -2.78 15.99 -24.34
CA PRO B 224 -3.95 15.51 -23.63
C PRO B 224 -4.05 13.98 -23.60
N GLY B 225 -4.83 13.49 -22.63
CA GLY B 225 -5.10 12.08 -22.48
C GLY B 225 -5.90 11.58 -23.67
N ILE B 226 -5.57 10.37 -24.12
CA ILE B 226 -6.21 9.80 -25.30
C ILE B 226 -6.94 8.56 -24.83
N TYR B 227 -8.14 8.41 -25.35
CA TYR B 227 -9.12 7.43 -24.93
C TYR B 227 -9.58 6.68 -26.17
N THR B 228 -9.84 5.38 -26.01
CA THR B 228 -10.58 4.66 -27.06
C THR B 228 -12.01 5.19 -27.12
N ARG B 229 -12.43 5.58 -28.33
CA ARG B 229 -13.80 6.05 -28.54
C ARG B 229 -14.84 4.92 -28.56
N VAL B 230 -15.64 4.82 -27.48
CA VAL B 230 -16.56 3.69 -27.31
C VAL B 230 -17.58 3.56 -28.45
N THR B 231 -18.15 4.68 -28.91
CA THR B 231 -19.13 4.63 -30.01
C THR B 231 -18.58 3.88 -31.24
N TYR B 232 -17.28 4.05 -31.50
CA TYR B 232 -16.62 3.41 -32.64
C TYR B 232 -16.66 1.90 -32.60
N TYR B 233 -16.68 1.34 -31.39
CA TYR B 233 -16.61 -0.12 -31.23
C TYR B 233 -17.90 -0.77 -30.71
N LEU B 234 -19.02 -0.04 -30.75
CA LEU B 234 -20.29 -0.58 -30.27
C LEU B 234 -20.68 -1.88 -30.95
N ASP B 235 -20.48 -1.99 -32.26
CA ASP B 235 -20.93 -3.20 -32.95
C ASP B 235 -20.12 -4.42 -32.48
N TRP B 236 -18.81 -4.23 -32.32
CA TRP B 236 -17.93 -5.26 -31.77
C TRP B 236 -18.35 -5.60 -30.33
N ILE B 237 -18.58 -4.59 -29.50
CA ILE B 237 -19.03 -4.86 -28.12
C ILE B 237 -20.31 -5.68 -28.13
N HIS B 238 -21.26 -5.29 -28.97
CA HIS B 238 -22.58 -5.91 -28.98
C HIS B 238 -22.58 -7.27 -29.67
N HIS B 239 -21.47 -7.60 -30.27
CA HIS B 239 -21.27 -8.94 -30.82
C HIS B 239 -21.15 -9.95 -29.68
N TYR B 240 -20.68 -9.49 -28.53
CA TYR B 240 -20.44 -10.37 -27.39
C TYR B 240 -21.39 -10.06 -26.24
N VAL B 241 -21.65 -8.78 -26.01
CA VAL B 241 -22.40 -8.36 -24.83
C VAL B 241 -23.86 -8.13 -25.20
N PRO B 242 -24.81 -8.75 -24.43
CA PRO B 242 -26.25 -8.58 -24.72
C PRO B 242 -26.66 -7.13 -24.51
N LYS B 243 -27.50 -6.61 -25.41
CA LYS B 243 -27.99 -5.22 -25.35
C LYS B 243 -29.48 -5.14 -25.05
C1 5TA C . 21.62 -4.61 11.21
C4 5TA C . 26.36 -8.72 11.14
C5 5TA C . 25.55 -8.12 10.46
C6 5TA C . 22.71 -5.90 9.32
C7 5TA C . 28.03 -8.95 13.01
C8 5TA C . 19.76 -3.72 10.21
C9 5TA C . 20.49 -4.56 9.13
C10 5TA C . 27.31 -9.48 11.92
C13 5TA C . 23.62 -6.57 10.18
C17 5TA C . 18.26 -4.01 10.42
C18 5TA C . 17.02 -5.77 11.52
C19 5TA C . 17.05 -7.11 11.96
C20 5TA C . 16.01 -7.62 12.72
C22 5TA C . 22.76 -6.10 7.93
C23 5TA C . 23.73 -6.96 7.38
C24 5TA C . 14.91 -5.41 12.58
C25 5TA C . 29.07 -10.95 13.42
C26 5TA C . 16.00 -9.04 13.24
C27 5TA C . 27.48 -10.83 11.62
C28 5TA C . 24.64 -7.61 8.22
CL1 5TA C . 27.80 -7.21 13.50
N12 5TA C . 28.90 -9.66 13.74
C31 5TA C . 28.39 -11.59 12.38
C14 5TA C . 24.59 -7.42 9.61
N2 5TA C . 21.67 -5.04 9.86
O3 5TA C . 20.49 -3.86 11.43
O11 5TA C . 22.45 -4.90 12.08
O15 5TA C . 18.14 -5.37 10.80
C29 5TA C . 15.96 -4.89 11.82
C30 5TA C . 14.94 -6.75 13.02
N21 5TA C . 15.92 -10.08 12.18
C1 5TA D . 2.03 5.98 -23.95
C4 5TA D . 4.36 10.43 -27.75
C5 5TA D . 4.52 9.77 -26.76
C6 5TA D . 4.13 7.42 -23.85
C7 5TA D . 3.70 10.77 -30.15
C8 5TA D . 2.04 5.02 -21.86
C9 5TA D . 3.28 5.92 -21.92
C10 5TA D . 4.20 11.26 -28.93
C13 5TA D . 3.82 8.11 -25.04
C17 5TA D . 1.12 5.32 -20.67
C18 5TA D . -0.69 6.82 -20.27
C19 5TA D . -1.25 8.08 -20.50
C20 5TA D . -2.52 8.37 -19.98
C22 5TA D . 5.36 7.62 -23.19
C23 5TA D . 6.29 8.54 -23.71
C24 5TA D . -2.62 6.12 -19.01
C25 5TA D . 3.85 12.85 -31.12
C26 5TA D . -3.14 9.71 -20.25
C27 5TA D . 4.48 12.62 -28.82
C28 5TA D . 5.98 9.24 -24.89
CL1 5TA D . 3.10 9.11 -30.38
N12 5TA D . 3.55 11.55 -31.22
C31 5TA D . 4.30 13.44 -29.94
C14 5TA D . 4.76 9.01 -25.54
N2 5TA D . 3.19 6.46 -23.28
O3 5TA D . 1.35 5.14 -23.12
O11 5TA D . 1.66 6.26 -25.09
O15 5TA D . 0.54 6.62 -20.83
C29 5TA D . -1.35 5.83 -19.52
C30 5TA D . -3.19 7.38 -19.23
N21 5TA D . -2.39 10.81 -19.53
#